data_4HJQ
#
_entry.id   4HJQ
#
_cell.length_a   45.642
_cell.length_b   57.783
_cell.length_c   77.319
_cell.angle_alpha   102.39
_cell.angle_beta   94.71
_cell.angle_gamma   110.01
#
_symmetry.space_group_name_H-M   'P 1'
#
loop_
_entity.id
_entity.type
_entity.pdbx_description
1 polymer 'Tyrosine-protein phosphatase non-receptor type 6'
2 non-polymer 'PHOSPHATE ION'
3 water water
#
_entity_poly.entity_id   1
_entity_poly.type   'polypeptide(L)'
_entity_poly.pdbx_seq_one_letter_code
;MHHHHHHGSLVPRSENLYFQGSGFWEEFESLQKQEVKNLHQRLEGQRPENKGKNRYKNILPFDHSRVILQGRDSNIPGSD
YINANYIKNQLLGPDENAKTYIASQGCLEATVNDFWQMAWQENSRVIVMTTREVEKGRNKCVPYWPEVGMQRAYGPYSVT
NCGEHDTTEYKLRTLQVSPLDNGDLIREIWHYQYLSWPDHGVPSEPGGVLSFLDQINQRQESLPHAGPIIVHSSAGIGRT
GTIIVIDMLMENISTKGLDCDIDIQKTIQMVRAQRSGMVQTEAQYKFIYVAIAQFIETTKKKLEVLQS
;
_entity_poly.pdbx_strand_id   A,B
#
loop_
_chem_comp.id
_chem_comp.type
_chem_comp.name
_chem_comp.formula
PO4 non-polymer 'PHOSPHATE ION' 'O4 P -3'
#
# COMPACT_ATOMS: atom_id res chain seq x y z
N GLY A 23 -35.18 -20.57 -2.87
CA GLY A 23 -34.26 -20.22 -1.80
C GLY A 23 -33.68 -18.83 -1.99
N PHE A 24 -33.28 -18.54 -3.23
CA PHE A 24 -32.66 -17.25 -3.54
C PHE A 24 -33.61 -16.10 -3.27
N TRP A 25 -34.86 -16.23 -3.70
CA TRP A 25 -35.81 -15.15 -3.51
C TRP A 25 -36.03 -14.90 -2.01
N GLU A 26 -36.24 -15.97 -1.24
CA GLU A 26 -36.48 -15.85 0.20
C GLU A 26 -35.29 -15.20 0.92
N GLU A 27 -34.08 -15.58 0.54
CA GLU A 27 -32.88 -15.04 1.17
C GLU A 27 -32.69 -13.55 0.86
N PHE A 28 -33.00 -13.17 -0.37
CA PHE A 28 -32.84 -11.77 -0.74
C PHE A 28 -33.97 -10.93 -0.12
N GLU A 29 -35.16 -11.51 -0.05
CA GLU A 29 -36.31 -10.86 0.59
C GLU A 29 -35.96 -10.57 2.05
N SER A 30 -35.28 -11.52 2.69
CA SER A 30 -34.86 -11.35 4.07
C SER A 30 -33.88 -10.18 4.24
N LEU A 31 -32.96 -10.03 3.31
CA LEU A 31 -32.02 -8.91 3.35
C LEU A 31 -32.73 -7.59 3.14
N GLN A 32 -33.67 -7.58 2.19
CA GLN A 32 -34.45 -6.37 1.90
C GLN A 32 -35.23 -5.93 3.14
N LYS A 33 -35.82 -6.89 3.84
CA LYS A 33 -36.57 -6.57 5.06
C LYS A 33 -35.67 -5.99 6.16
N GLN A 34 -34.43 -6.47 6.25
CA GLN A 34 -33.47 -5.92 7.20
C GLN A 34 -33.07 -4.50 6.80
N GLU A 35 -33.06 -4.25 5.50
CA GLU A 35 -32.56 -3.01 4.94
C GLU A 35 -33.45 -1.80 5.24
N VAL A 36 -34.74 -2.04 5.46
CA VAL A 36 -35.62 -0.95 5.88
C VAL A 36 -35.21 -0.48 7.28
N LYS A 37 -34.64 -1.41 8.05
CA LYS A 37 -34.18 -1.11 9.40
C LYS A 37 -32.74 -0.62 9.41
N ASN A 38 -32.20 -0.39 8.21
CA ASN A 38 -30.82 0.08 8.09
C ASN A 38 -30.74 1.60 7.99
N LEU A 39 -30.95 2.27 9.11
CA LEU A 39 -30.91 3.72 9.13
C LEU A 39 -29.67 4.27 9.81
N HIS A 40 -28.54 4.26 9.10
CA HIS A 40 -27.44 5.12 9.46
C HIS A 40 -27.80 6.49 8.86
N GLN A 41 -27.33 7.56 9.48
CA GLN A 41 -27.61 8.90 8.98
C GLN A 41 -27.05 9.13 7.58
N ARG A 42 -27.79 9.92 6.80
CA ARG A 42 -27.39 10.32 5.46
C ARG A 42 -27.62 11.83 5.34
N LEU A 43 -27.20 12.55 6.37
CA LEU A 43 -27.45 13.98 6.47
C LEU A 43 -26.84 14.78 5.31
N GLU A 44 -25.57 14.55 5.02
CA GLU A 44 -24.86 15.32 3.99
C GLU A 44 -25.52 15.19 2.61
N GLY A 45 -25.88 13.95 2.23
CA GLY A 45 -26.53 13.72 0.96
C GLY A 45 -27.90 14.35 0.83
N GLN A 46 -28.57 14.53 1.97
CA GLN A 46 -29.91 15.09 1.95
C GLN A 46 -29.93 16.61 1.94
N ARG A 47 -28.77 17.23 2.12
CA ARG A 47 -28.72 18.70 2.19
C ARG A 47 -29.22 19.29 0.87
N PRO A 48 -30.07 20.33 0.95
CA PRO A 48 -30.57 21.02 -0.24
C PRO A 48 -29.45 21.45 -1.20
N GLU A 49 -28.33 21.86 -0.62
N GLU A 49 -28.32 21.86 -0.63
CA GLU A 49 -27.18 22.31 -1.42
CA GLU A 49 -27.19 22.31 -1.43
C GLU A 49 -26.57 21.18 -2.25
C GLU A 49 -26.61 21.19 -2.29
N ASN A 50 -26.89 19.94 -1.92
CA ASN A 50 -26.33 18.79 -2.64
C ASN A 50 -27.30 18.10 -3.58
N LYS A 51 -28.52 18.63 -3.67
CA LYS A 51 -29.58 18.01 -4.49
C LYS A 51 -29.16 17.68 -5.92
N GLY A 52 -28.41 18.58 -6.55
CA GLY A 52 -27.99 18.40 -7.93
C GLY A 52 -26.81 17.46 -8.10
N LYS A 53 -26.33 16.89 -7.00
CA LYS A 53 -25.16 16.01 -7.04
C LYS A 53 -25.57 14.55 -6.89
N ASN A 54 -26.88 14.32 -6.74
CA ASN A 54 -27.42 12.97 -6.60
C ASN A 54 -28.22 12.57 -7.82
N ARG A 55 -27.94 11.38 -8.33
CA ARG A 55 -28.65 10.89 -9.49
C ARG A 55 -30.08 10.48 -9.10
N TYR A 56 -30.23 9.92 -7.90
CA TYR A 56 -31.54 9.53 -7.39
C TYR A 56 -31.69 10.03 -5.96
N LYS A 57 -32.76 10.76 -5.66
CA LYS A 57 -32.86 11.42 -4.36
C LYS A 57 -32.94 10.47 -3.15
N ASN A 58 -33.24 9.20 -3.41
CA ASN A 58 -33.34 8.22 -2.32
C ASN A 58 -32.07 7.37 -2.15
N ILE A 59 -31.10 7.57 -3.04
CA ILE A 59 -29.89 6.74 -3.02
C ILE A 59 -28.71 7.63 -2.62
N LEU A 60 -28.32 7.53 -1.35
CA LEU A 60 -27.42 8.50 -0.73
C LEU A 60 -26.35 7.79 0.08
N PRO A 61 -25.16 8.42 0.22
CA PRO A 61 -24.09 7.84 1.03
C PRO A 61 -24.37 8.02 2.53
N PHE A 62 -24.05 6.99 3.33
CA PHE A 62 -24.03 7.15 4.78
C PHE A 62 -22.96 8.16 5.17
N ASP A 63 -23.30 9.06 6.10
CA ASP A 63 -22.32 10.02 6.60
C ASP A 63 -21.06 9.36 7.13
N HIS A 64 -21.24 8.24 7.84
CA HIS A 64 -20.11 7.65 8.56
C HIS A 64 -19.03 7.09 7.63
N SER A 65 -19.40 6.78 6.39
CA SER A 65 -18.46 6.17 5.45
C SER A 65 -18.33 6.91 4.12
N ARG A 66 -18.90 8.11 4.02
CA ARG A 66 -18.85 8.85 2.75
C ARG A 66 -17.44 9.34 2.42
N VAL A 67 -17.14 9.44 1.13
CA VAL A 67 -15.90 10.07 0.71
C VAL A 67 -16.07 11.57 0.81
N ILE A 68 -15.16 12.22 1.53
CA ILE A 68 -15.22 13.65 1.71
C ILE A 68 -14.18 14.31 0.80
N LEU A 69 -14.61 15.19 -0.11
CA LEU A 69 -13.68 15.82 -1.04
C LEU A 69 -12.83 16.87 -0.33
N GLN A 70 -11.53 16.81 -0.56
CA GLN A 70 -10.58 17.68 0.12
C GLN A 70 -10.28 18.92 -0.70
N GLY A 71 -9.74 19.94 -0.05
CA GLY A 71 -9.23 21.12 -0.74
C GLY A 71 -10.28 22.16 -1.10
N ARG A 72 -11.51 21.94 -0.65
CA ARG A 72 -12.64 22.76 -1.08
C ARG A 72 -12.88 23.86 -0.05
N ASP A 73 -13.70 24.84 -0.40
CA ASP A 73 -13.99 25.95 0.51
C ASP A 73 -15.19 25.61 1.38
N SER A 74 -14.99 25.54 2.69
CA SER A 74 -16.06 25.15 3.59
C SER A 74 -17.17 26.22 3.67
N ASN A 75 -16.86 27.44 3.22
CA ASN A 75 -17.88 28.48 3.09
C ASN A 75 -18.79 28.34 1.84
N ILE A 76 -18.43 27.43 0.95
CA ILE A 76 -19.33 27.04 -0.13
C ILE A 76 -20.14 25.82 0.35
N PRO A 77 -21.44 26.01 0.66
CA PRO A 77 -22.20 24.91 1.27
C PRO A 77 -22.19 23.65 0.41
N GLY A 78 -21.87 22.53 1.04
CA GLY A 78 -21.89 21.25 0.37
C GLY A 78 -20.69 20.98 -0.54
N SER A 79 -19.68 21.85 -0.49
CA SER A 79 -18.56 21.74 -1.42
C SER A 79 -17.78 20.45 -1.27
N ASP A 80 -17.85 19.81 -0.10
CA ASP A 80 -17.05 18.59 0.11
C ASP A 80 -17.74 17.32 -0.36
N TYR A 81 -18.92 17.45 -0.95
CA TYR A 81 -19.81 16.31 -1.16
C TYR A 81 -19.62 15.54 -2.46
N ILE A 82 -19.60 14.21 -2.35
CA ILE A 82 -19.77 13.35 -3.51
C ILE A 82 -20.58 12.12 -3.09
N ASN A 83 -21.40 11.61 -4.00
CA ASN A 83 -22.20 10.45 -3.69
C ASN A 83 -21.37 9.18 -3.86
N ALA A 84 -20.64 8.82 -2.82
CA ALA A 84 -19.73 7.67 -2.84
C ALA A 84 -19.34 7.31 -1.42
N ASN A 85 -19.00 6.04 -1.20
CA ASN A 85 -18.62 5.54 0.12
C ASN A 85 -17.41 4.64 0.07
N TYR A 86 -16.59 4.69 1.12
CA TYR A 86 -15.60 3.65 1.31
C TYR A 86 -16.29 2.34 1.69
N ILE A 87 -15.83 1.24 1.09
CA ILE A 87 -16.30 -0.09 1.44
C ILE A 87 -15.09 -0.97 1.73
N LYS A 88 -15.11 -1.67 2.85
CA LYS A 88 -14.10 -2.70 3.10
C LYS A 88 -14.75 -3.94 3.70
N ASN A 89 -14.03 -5.06 3.65
CA ASN A 89 -14.55 -6.29 4.25
C ASN A 89 -14.38 -6.22 5.76
N GLN A 90 -15.43 -5.78 6.43
CA GLN A 90 -15.40 -5.61 7.88
C GLN A 90 -15.67 -6.90 8.64
N LEU A 91 -15.79 -8.01 7.91
CA LEU A 91 -15.86 -9.33 8.55
C LEU A 91 -14.46 -9.83 8.92
N LEU A 92 -13.44 -9.26 8.30
CA LEU A 92 -12.05 -9.69 8.52
C LEU A 92 -11.51 -9.10 9.82
N GLY A 93 -10.62 -9.86 10.46
CA GLY A 93 -9.90 -9.37 11.62
C GLY A 93 -8.95 -8.24 11.27
N PRO A 94 -8.55 -7.45 12.28
CA PRO A 94 -7.74 -6.25 12.04
C PRO A 94 -6.36 -6.60 11.48
N ASP A 95 -5.86 -7.80 11.76
CA ASP A 95 -4.55 -8.19 11.24
C ASP A 95 -4.64 -8.79 9.82
N GLU A 96 -5.85 -8.95 9.33
CA GLU A 96 -6.04 -9.42 7.97
C GLU A 96 -5.94 -8.28 6.96
N ASN A 97 -5.63 -8.62 5.72
CA ASN A 97 -5.40 -7.62 4.70
C ASN A 97 -6.15 -7.92 3.40
N ALA A 98 -7.05 -7.02 3.06
CA ALA A 98 -7.74 -7.05 1.76
C ALA A 98 -8.03 -5.64 1.32
N LYS A 99 -8.12 -5.45 0.00
CA LYS A 99 -8.30 -4.13 -0.57
C LYS A 99 -9.52 -3.37 -0.02
N THR A 100 -9.41 -2.04 -0.06
CA THR A 100 -10.52 -1.12 0.23
C THR A 100 -11.09 -0.73 -1.13
N TYR A 101 -12.40 -0.50 -1.18
CA TYR A 101 -13.04 -0.04 -2.40
C TYR A 101 -13.65 1.32 -2.14
N ILE A 102 -13.91 2.05 -3.21
CA ILE A 102 -14.88 3.13 -3.16
C ILE A 102 -16.04 2.72 -4.05
N ALA A 103 -17.26 2.81 -3.53
CA ALA A 103 -18.46 2.54 -4.31
C ALA A 103 -19.13 3.87 -4.61
N SER A 104 -19.23 4.21 -5.89
CA SER A 104 -19.71 5.53 -6.30
C SER A 104 -20.87 5.46 -7.29
N GLN A 105 -21.72 6.48 -7.28
CA GLN A 105 -22.68 6.62 -8.36
C GLN A 105 -21.92 7.06 -9.63
N GLY A 106 -22.59 7.00 -10.77
CA GLY A 106 -22.03 7.48 -12.02
C GLY A 106 -22.15 8.98 -12.15
N CYS A 107 -21.09 9.59 -12.69
CA CYS A 107 -21.02 11.03 -12.89
C CYS A 107 -22.25 11.62 -13.55
N LEU A 108 -22.71 12.75 -12.98
CA LEU A 108 -23.60 13.67 -13.68
C LEU A 108 -22.70 14.72 -14.31
N GLU A 109 -23.20 15.49 -15.27
CA GLU A 109 -22.38 16.57 -15.83
C GLU A 109 -21.78 17.45 -14.73
N ALA A 110 -22.58 17.74 -13.70
CA ALA A 110 -22.15 18.65 -12.62
C ALA A 110 -21.18 18.01 -11.62
N THR A 111 -20.95 16.70 -11.71
CA THR A 111 -20.08 16.02 -10.72
C THR A 111 -18.89 15.32 -11.36
N VAL A 112 -18.64 15.56 -12.63
CA VAL A 112 -17.47 14.97 -13.28
C VAL A 112 -16.16 15.45 -12.63
N ASN A 113 -16.05 16.75 -12.40
CA ASN A 113 -14.85 17.27 -11.74
C ASN A 113 -14.70 16.73 -10.32
N ASP A 114 -15.83 16.58 -9.63
CA ASP A 114 -15.83 15.99 -8.29
C ASP A 114 -15.27 14.58 -8.32
N PHE A 115 -15.62 13.82 -9.36
CA PHE A 115 -15.12 12.46 -9.50
C PHE A 115 -13.60 12.45 -9.63
N TRP A 116 -13.06 13.34 -10.44
CA TRP A 116 -11.61 13.37 -10.60
C TRP A 116 -10.89 13.85 -9.33
N GLN A 117 -11.48 14.80 -8.59
CA GLN A 117 -10.91 15.15 -7.27
C GLN A 117 -10.84 13.93 -6.36
N MET A 118 -11.92 13.14 -6.34
CA MET A 118 -11.93 11.91 -5.54
C MET A 118 -10.83 10.94 -5.95
N ALA A 119 -10.76 10.62 -7.24
CA ALA A 119 -9.74 9.70 -7.73
C ALA A 119 -8.33 10.19 -7.38
N TRP A 120 -8.07 11.48 -7.57
CA TRP A 120 -6.75 12.03 -7.24
C TRP A 120 -6.40 11.95 -5.76
N GLN A 121 -7.29 12.49 -4.93
CA GLN A 121 -6.97 12.59 -3.51
C GLN A 121 -6.86 11.21 -2.88
N GLU A 122 -7.54 10.23 -3.46
CA GLU A 122 -7.53 8.89 -2.87
C GLU A 122 -6.40 8.02 -3.43
N ASN A 123 -5.66 8.56 -4.39
CA ASN A 123 -4.58 7.79 -5.06
C ASN A 123 -5.10 6.54 -5.77
N SER A 124 -6.36 6.57 -6.19
CA SER A 124 -6.93 5.42 -6.91
C SER A 124 -6.21 5.27 -8.25
N ARG A 125 -5.82 4.03 -8.58
CA ARG A 125 -5.11 3.77 -9.82
C ARG A 125 -5.92 2.87 -10.75
N VAL A 126 -7.05 2.35 -10.26
CA VAL A 126 -7.91 1.49 -11.06
C VAL A 126 -9.36 1.93 -10.86
N ILE A 127 -10.06 2.15 -11.98
CA ILE A 127 -11.47 2.53 -11.93
C ILE A 127 -12.23 1.41 -12.62
N VAL A 128 -13.30 0.96 -11.98
CA VAL A 128 -14.10 -0.13 -12.53
C VAL A 128 -15.51 0.38 -12.79
N MET A 129 -15.86 0.54 -14.06
CA MET A 129 -17.16 1.07 -14.45
C MET A 129 -18.02 -0.09 -14.95
N THR A 130 -19.16 -0.31 -14.32
CA THR A 130 -19.97 -1.48 -14.63
C THR A 130 -21.22 -1.12 -15.45
N THR A 131 -21.32 0.14 -15.86
CA THR A 131 -22.47 0.58 -16.66
C THR A 131 -22.00 1.11 -18.02
N ARG A 132 -22.88 1.10 -19.02
CA ARG A 132 -22.67 1.90 -20.22
C ARG A 132 -23.14 3.32 -19.92
N GLU A 133 -22.71 4.29 -20.73
CA GLU A 133 -23.11 5.68 -20.52
C GLU A 133 -24.61 5.87 -20.73
N VAL A 134 -25.12 5.20 -21.75
CA VAL A 134 -26.53 5.21 -22.08
C VAL A 134 -26.97 3.78 -22.33
N GLU A 135 -28.09 3.39 -21.72
CA GLU A 135 -28.62 2.04 -21.93
C GLU A 135 -30.08 2.15 -22.32
N LYS A 136 -30.40 1.69 -23.54
CA LYS A 136 -31.77 1.73 -24.05
C LYS A 136 -32.29 3.17 -24.00
N GLY A 137 -31.45 4.10 -24.44
CA GLY A 137 -31.83 5.50 -24.52
C GLY A 137 -31.89 6.24 -23.18
N ARG A 138 -31.68 5.51 -22.09
CA ARG A 138 -31.70 6.11 -20.75
CA ARG A 138 -31.70 6.11 -20.75
C ARG A 138 -30.28 6.48 -20.31
N ASN A 139 -30.11 7.71 -19.83
CA ASN A 139 -28.79 8.14 -19.34
C ASN A 139 -28.40 7.44 -18.04
N LYS A 140 -27.19 6.89 -18.02
CA LYS A 140 -26.70 6.16 -16.85
C LYS A 140 -25.48 6.81 -16.21
N CYS A 141 -24.59 7.34 -17.04
CA CYS A 141 -23.34 7.96 -16.55
C CYS A 141 -22.78 8.83 -17.66
N VAL A 142 -22.46 10.09 -17.35
CA VAL A 142 -21.80 10.90 -18.36
C VAL A 142 -20.33 10.51 -18.44
N PRO A 143 -19.74 10.54 -19.65
CA PRO A 143 -18.32 10.18 -19.76
C PRO A 143 -17.43 11.20 -19.06
N TYR A 144 -16.28 10.73 -18.59
CA TYR A 144 -15.38 11.60 -17.84
C TYR A 144 -13.96 11.38 -18.28
N TRP A 145 -13.79 10.89 -19.51
CA TRP A 145 -12.47 10.69 -20.09
C TRP A 145 -12.49 11.30 -21.48
N PRO A 146 -11.32 11.70 -21.99
CA PRO A 146 -11.22 12.20 -23.36
C PRO A 146 -11.08 11.06 -24.37
N GLU A 147 -11.19 11.38 -25.66
CA GLU A 147 -11.05 10.36 -26.69
C GLU A 147 -9.59 9.94 -26.82
N VAL A 148 -9.34 8.85 -27.55
CA VAL A 148 -8.00 8.30 -27.70
C VAL A 148 -6.98 9.33 -28.20
N GLY A 149 -5.88 9.49 -27.45
CA GLY A 149 -4.82 10.43 -27.84
C GLY A 149 -5.03 11.87 -27.40
N MET A 150 -6.21 12.13 -26.82
CA MET A 150 -6.57 13.48 -26.46
C MET A 150 -6.35 13.77 -24.98
N GLN A 151 -6.21 15.06 -24.68
CA GLN A 151 -5.91 15.48 -23.31
C GLN A 151 -6.89 16.59 -22.95
N ARG A 152 -7.51 16.47 -21.79
CA ARG A 152 -8.52 17.44 -21.39
C ARG A 152 -8.41 17.77 -19.91
N ALA A 153 -8.70 19.02 -19.55
CA ALA A 153 -8.70 19.39 -18.13
C ALA A 153 -10.06 19.18 -17.49
N TYR A 154 -10.07 18.62 -16.29
CA TYR A 154 -11.30 18.47 -15.51
C TYR A 154 -11.06 19.13 -14.18
N GLY A 155 -11.51 20.38 -14.05
CA GLY A 155 -11.22 21.14 -12.85
C GLY A 155 -9.72 21.29 -12.78
N PRO A 156 -9.12 21.00 -11.63
CA PRO A 156 -7.68 21.20 -11.47
C PRO A 156 -6.79 20.09 -12.06
N TYR A 157 -7.36 19.11 -12.75
CA TYR A 157 -6.56 17.98 -13.24
C TYR A 157 -6.62 17.86 -14.75
N SER A 158 -5.50 17.45 -15.32
CA SER A 158 -5.46 17.12 -16.74
CA SER A 158 -5.42 17.12 -16.74
C SER A 158 -5.50 15.60 -16.89
N VAL A 159 -6.29 15.13 -17.84
CA VAL A 159 -6.39 13.69 -18.09
C VAL A 159 -6.09 13.44 -19.58
N THR A 160 -5.20 12.49 -19.85
CA THR A 160 -4.90 12.09 -21.22
C THR A 160 -5.29 10.64 -21.43
N ASN A 161 -6.04 10.37 -22.50
CA ASN A 161 -6.36 8.99 -22.87
C ASN A 161 -5.20 8.45 -23.70
N CYS A 162 -4.44 7.51 -23.13
CA CYS A 162 -3.22 7.03 -23.78
C CYS A 162 -3.42 5.72 -24.53
N GLY A 163 -4.67 5.31 -24.68
CA GLY A 163 -4.93 4.10 -25.46
C GLY A 163 -6.15 3.35 -24.99
N GLU A 164 -6.82 2.68 -25.92
CA GLU A 164 -7.97 1.85 -25.60
C GLU A 164 -7.76 0.45 -26.16
N HIS A 165 -8.05 -0.55 -25.35
CA HIS A 165 -7.95 -1.95 -25.77
C HIS A 165 -9.22 -2.69 -25.36
N ASP A 166 -9.85 -3.37 -26.31
CA ASP A 166 -11.19 -3.92 -26.09
C ASP A 166 -11.20 -5.44 -26.11
N THR A 167 -12.11 -6.02 -25.33
CA THR A 167 -12.52 -7.41 -25.47
C THR A 167 -13.98 -7.38 -25.88
N THR A 168 -14.63 -8.53 -25.99
CA THR A 168 -16.04 -8.60 -26.37
CA THR A 168 -16.03 -8.56 -26.38
C THR A 168 -16.94 -7.96 -25.31
N GLU A 169 -16.54 -8.07 -24.05
CA GLU A 169 -17.44 -7.64 -22.97
C GLU A 169 -16.98 -6.42 -22.20
N TYR A 170 -15.74 -5.99 -22.43
CA TYR A 170 -15.25 -4.81 -21.71
C TYR A 170 -14.14 -4.05 -22.42
N LYS A 171 -14.00 -2.79 -22.06
CA LYS A 171 -12.99 -1.93 -22.66
C LYS A 171 -12.00 -1.49 -21.59
N LEU A 172 -10.73 -1.46 -21.94
CA LEU A 172 -9.72 -0.90 -21.04
C LEU A 172 -9.18 0.39 -21.63
N ARG A 173 -9.26 1.47 -20.86
CA ARG A 173 -8.67 2.73 -21.27
C ARG A 173 -7.50 3.05 -20.35
N THR A 174 -6.33 3.29 -20.93
CA THR A 174 -5.17 3.65 -20.14
CA THR A 174 -5.16 3.65 -20.14
C THR A 174 -5.04 5.17 -20.06
N LEU A 175 -5.26 5.70 -18.86
CA LEU A 175 -5.26 7.14 -18.68
C LEU A 175 -4.01 7.63 -17.96
N GLN A 176 -3.62 8.88 -18.22
CA GLN A 176 -2.61 9.55 -17.43
C GLN A 176 -3.21 10.83 -16.86
N VAL A 177 -3.01 11.05 -15.57
CA VAL A 177 -3.62 12.20 -14.89
C VAL A 177 -2.55 13.02 -14.19
N SER A 178 -2.64 14.34 -14.31
CA SER A 178 -1.69 15.26 -13.68
C SER A 178 -2.44 16.48 -13.16
N PRO A 179 -1.96 17.06 -12.05
CA PRO A 179 -2.56 18.33 -11.63
C PRO A 179 -2.11 19.43 -12.60
N LEU A 180 -3.00 20.36 -12.94
CA LEU A 180 -2.58 21.47 -13.79
C LEU A 180 -1.44 22.25 -13.13
N ASP A 181 -1.47 22.35 -11.81
CA ASP A 181 -0.43 23.09 -11.08
C ASP A 181 0.85 22.30 -10.81
N ASN A 182 0.95 21.11 -11.39
CA ASN A 182 2.04 20.17 -11.10
C ASN A 182 2.20 19.19 -12.25
N GLY A 183 2.50 19.71 -13.44
CA GLY A 183 2.44 18.95 -14.68
C GLY A 183 3.47 17.84 -14.86
N ASP A 184 4.51 17.83 -14.03
CA ASP A 184 5.50 16.77 -14.14
C ASP A 184 5.21 15.59 -13.23
N LEU A 185 4.17 15.72 -12.41
CA LEU A 185 3.67 14.58 -11.65
C LEU A 185 2.57 13.92 -12.46
N ILE A 186 2.82 12.68 -12.89
CA ILE A 186 1.90 11.94 -13.74
C ILE A 186 1.56 10.58 -13.13
N ARG A 187 0.28 10.29 -12.98
CA ARG A 187 -0.15 8.96 -12.54
C ARG A 187 -0.84 8.21 -13.65
N GLU A 188 -0.49 6.94 -13.85
CA GLU A 188 -1.26 6.08 -14.73
C GLU A 188 -2.49 5.55 -14.00
N ILE A 189 -3.65 5.72 -14.63
CA ILE A 189 -4.91 5.19 -14.09
CA ILE A 189 -4.89 5.17 -14.08
C ILE A 189 -5.49 4.26 -15.14
N TRP A 190 -5.89 3.05 -14.72
CA TRP A 190 -6.43 2.08 -15.65
C TRP A 190 -7.93 2.03 -15.50
N HIS A 191 -8.65 2.34 -16.57
CA HIS A 191 -10.10 2.44 -16.51
C HIS A 191 -10.71 1.24 -17.22
N TYR A 192 -11.41 0.39 -16.46
CA TYR A 192 -12.03 -0.83 -16.98
C TYR A 192 -13.54 -0.62 -17.04
N GLN A 193 -14.12 -0.73 -18.23
CA GLN A 193 -15.57 -0.56 -18.38
C GLN A 193 -16.22 -1.83 -18.91
N TYR A 194 -17.13 -2.39 -18.11
CA TYR A 194 -17.87 -3.57 -18.52
C TYR A 194 -19.09 -3.15 -19.32
N LEU A 195 -19.32 -3.79 -20.46
CA LEU A 195 -20.33 -3.33 -21.41
C LEU A 195 -21.64 -4.12 -21.42
N SER A 196 -21.64 -5.32 -20.87
CA SER A 196 -22.82 -6.18 -21.01
C SER A 196 -23.44 -6.60 -19.69
N TRP A 197 -23.51 -5.65 -18.77
CA TRP A 197 -24.21 -5.88 -17.51
C TRP A 197 -25.25 -4.79 -17.40
N PRO A 198 -26.50 -5.09 -17.79
CA PRO A 198 -27.54 -4.05 -17.82
C PRO A 198 -28.00 -3.64 -16.42
N ASP A 199 -28.40 -2.38 -16.29
CA ASP A 199 -28.87 -1.85 -15.02
C ASP A 199 -30.05 -2.70 -14.53
N HIS A 200 -30.09 -2.99 -13.23
CA HIS A 200 -31.14 -3.81 -12.62
C HIS A 200 -31.13 -5.24 -13.14
N GLY A 201 -30.03 -5.66 -13.77
CA GLY A 201 -30.00 -6.98 -14.39
C GLY A 201 -28.70 -7.71 -14.10
N VAL A 202 -28.43 -8.77 -14.86
CA VAL A 202 -27.20 -9.54 -14.70
C VAL A 202 -26.65 -9.95 -16.07
N PRO A 203 -25.33 -10.20 -16.13
CA PRO A 203 -24.75 -10.74 -17.36
C PRO A 203 -25.33 -12.13 -17.62
N SER A 204 -25.31 -12.56 -18.87
CA SER A 204 -25.92 -13.84 -19.24
C SER A 204 -25.15 -15.04 -18.69
N GLU A 205 -23.85 -14.84 -18.45
CA GLU A 205 -22.99 -15.87 -17.90
C GLU A 205 -21.94 -15.14 -17.08
N PRO A 206 -21.32 -15.81 -16.10
CA PRO A 206 -20.38 -15.12 -15.20
C PRO A 206 -18.95 -15.02 -15.72
N GLY A 207 -18.63 -15.76 -16.79
CA GLY A 207 -17.27 -15.75 -17.33
C GLY A 207 -16.68 -14.37 -17.58
N GLY A 208 -17.47 -13.50 -18.21
CA GLY A 208 -17.02 -12.14 -18.53
C GLY A 208 -16.57 -11.36 -17.31
N VAL A 209 -17.42 -11.35 -16.28
CA VAL A 209 -17.10 -10.65 -15.04
C VAL A 209 -15.89 -11.24 -14.33
N LEU A 210 -15.78 -12.57 -14.33
CA LEU A 210 -14.65 -13.22 -13.68
C LEU A 210 -13.31 -12.89 -14.37
N SER A 211 -13.34 -12.84 -15.71
CA SER A 211 -12.17 -12.43 -16.50
C SER A 211 -11.82 -10.96 -16.23
N PHE A 212 -12.87 -10.14 -16.23
CA PHE A 212 -12.81 -8.72 -15.93
C PHE A 212 -12.10 -8.50 -14.60
N LEU A 213 -12.62 -9.14 -13.53
CA LEU A 213 -12.06 -8.98 -12.20
C LEU A 213 -10.64 -9.52 -12.07
N ASP A 214 -10.33 -10.60 -12.75
CA ASP A 214 -8.96 -11.12 -12.75
C ASP A 214 -7.96 -10.08 -13.26
N GLN A 215 -8.28 -9.45 -14.38
CA GLN A 215 -7.46 -8.38 -14.92
C GLN A 215 -7.33 -7.19 -13.97
N ILE A 216 -8.43 -6.83 -13.33
CA ILE A 216 -8.47 -5.69 -12.42
C ILE A 216 -7.59 -5.94 -11.20
N ASN A 217 -7.69 -7.15 -10.65
CA ASN A 217 -6.89 -7.48 -9.47
C ASN A 217 -5.41 -7.60 -9.80
N GLN A 218 -5.10 -8.19 -10.95
CA GLN A 218 -3.72 -8.25 -11.42
C GLN A 218 -3.10 -6.86 -11.51
N ARG A 219 -3.88 -5.91 -12.03
CA ARG A 219 -3.37 -4.56 -12.23
C ARG A 219 -3.14 -3.90 -10.88
N GLN A 220 -4.14 -3.94 -10.01
CA GLN A 220 -4.05 -3.35 -8.68
C GLN A 220 -2.85 -3.87 -7.88
N GLU A 221 -2.70 -5.18 -7.82
CA GLU A 221 -1.62 -5.79 -7.02
C GLU A 221 -0.23 -5.52 -7.60
N SER A 222 -0.17 -5.28 -8.91
CA SER A 222 1.08 -4.95 -9.59
C SER A 222 1.50 -3.49 -9.34
N LEU A 223 0.86 -2.83 -8.39
CA LEU A 223 1.24 -1.48 -8.01
C LEU A 223 1.71 -1.42 -6.55
N PRO A 224 2.72 -0.58 -6.27
CA PRO A 224 3.04 -0.26 -4.87
C PRO A 224 2.05 0.76 -4.29
N HIS A 225 1.25 0.30 -3.33
CA HIS A 225 0.42 1.17 -2.50
C HIS A 225 -0.57 2.05 -3.28
N ALA A 226 -1.18 1.49 -4.32
CA ALA A 226 -2.31 2.15 -4.98
C ALA A 226 -3.38 2.38 -3.93
N GLY A 227 -4.19 3.43 -4.10
CA GLY A 227 -5.31 3.66 -3.20
C GLY A 227 -6.45 2.71 -3.55
N PRO A 228 -7.63 2.96 -2.97
CA PRO A 228 -8.81 2.13 -3.17
C PRO A 228 -9.19 2.07 -4.63
N ILE A 229 -9.58 0.88 -5.10
CA ILE A 229 -10.20 0.76 -6.41
C ILE A 229 -11.54 1.48 -6.40
N ILE A 230 -11.78 2.35 -7.38
CA ILE A 230 -13.09 2.98 -7.49
C ILE A 230 -14.01 2.12 -8.36
N VAL A 231 -15.16 1.75 -7.81
CA VAL A 231 -16.15 0.93 -8.53
C VAL A 231 -17.43 1.74 -8.65
N HIS A 232 -17.95 1.87 -9.85
CA HIS A 232 -19.19 2.61 -10.01
C HIS A 232 -20.11 2.03 -11.07
N SER A 233 -21.38 2.39 -10.95
CA SER A 233 -22.38 2.00 -11.93
C SER A 233 -23.13 3.27 -12.26
N SER A 234 -24.47 3.21 -12.28
CA SER A 234 -25.26 4.44 -12.45
C SER A 234 -25.66 4.92 -11.07
N ALA A 235 -26.42 4.10 -10.33
CA ALA A 235 -26.85 4.46 -8.98
C ALA A 235 -25.71 4.23 -7.98
N GLY A 236 -24.78 3.37 -8.35
CA GLY A 236 -23.67 3.04 -7.48
C GLY A 236 -24.03 2.03 -6.40
N ILE A 237 -25.09 1.25 -6.61
CA ILE A 237 -25.48 0.23 -5.63
C ILE A 237 -25.74 -1.17 -6.17
N GLY A 238 -26.29 -1.29 -7.37
CA GLY A 238 -26.69 -2.59 -7.87
C GLY A 238 -25.53 -3.40 -8.44
N ARG A 239 -25.10 -3.01 -9.63
CA ARG A 239 -23.97 -3.67 -10.25
C ARG A 239 -22.70 -3.38 -9.45
N THR A 240 -22.62 -2.19 -8.86
CA THR A 240 -21.47 -1.86 -8.01
C THR A 240 -21.41 -2.77 -6.77
N GLY A 241 -22.55 -2.92 -6.09
CA GLY A 241 -22.58 -3.77 -4.91
C GLY A 241 -22.30 -5.21 -5.26
N THR A 242 -22.92 -5.70 -6.32
CA THR A 242 -22.79 -7.10 -6.71
C THR A 242 -21.33 -7.42 -7.07
N ILE A 243 -20.69 -6.55 -7.83
CA ILE A 243 -19.32 -6.87 -8.26
C ILE A 243 -18.31 -6.76 -7.11
N ILE A 244 -18.55 -5.85 -6.17
CA ILE A 244 -17.70 -5.77 -4.99
C ILE A 244 -17.83 -7.01 -4.09
N VAL A 245 -19.05 -7.46 -3.86
CA VAL A 245 -19.25 -8.67 -3.07
C VAL A 245 -18.57 -9.88 -3.72
N ILE A 246 -18.70 -10.02 -5.05
CA ILE A 246 -18.02 -11.11 -5.75
C ILE A 246 -16.50 -11.01 -5.58
N ASP A 247 -15.96 -9.81 -5.77
CA ASP A 247 -14.51 -9.61 -5.63
C ASP A 247 -14.04 -9.96 -4.20
N MET A 248 -14.80 -9.54 -3.19
CA MET A 248 -14.46 -9.83 -1.80
C MET A 248 -14.42 -11.33 -1.53
N LEU A 249 -15.38 -12.05 -2.09
CA LEU A 249 -15.45 -13.50 -1.89
C LEU A 249 -14.31 -14.20 -2.62
N MET A 250 -13.97 -13.69 -3.80
CA MET A 250 -12.80 -14.20 -4.53
C MET A 250 -11.51 -13.97 -3.77
N GLU A 251 -11.37 -12.81 -3.11
CA GLU A 251 -10.13 -12.55 -2.37
C GLU A 251 -10.02 -13.50 -1.18
N ASN A 252 -11.16 -13.80 -0.55
CA ASN A 252 -11.21 -14.76 0.55
C ASN A 252 -10.80 -16.17 0.15
N ILE A 253 -11.41 -16.67 -0.92
CA ILE A 253 -11.04 -17.96 -1.50
C ILE A 253 -9.55 -17.99 -1.89
N SER A 254 -9.09 -16.91 -2.52
CA SER A 254 -7.71 -16.81 -2.97
C SER A 254 -6.70 -16.86 -1.81
N THR A 255 -7.07 -16.31 -0.66
CA THR A 255 -6.13 -16.17 0.44
C THR A 255 -6.29 -17.24 1.52
N LYS A 256 -7.51 -17.72 1.70
CA LYS A 256 -7.79 -18.71 2.75
C LYS A 256 -8.01 -20.12 2.19
N GLY A 257 -8.13 -20.23 0.88
CA GLY A 257 -8.32 -21.52 0.24
C GLY A 257 -9.77 -21.90 0.04
N LEU A 258 -10.00 -23.01 -0.67
CA LEU A 258 -11.34 -23.46 -1.01
C LEU A 258 -12.10 -24.01 0.20
N ASP A 259 -11.38 -24.22 1.30
CA ASP A 259 -12.01 -24.67 2.55
C ASP A 259 -12.72 -23.55 3.27
N CYS A 260 -12.49 -22.30 2.83
CA CYS A 260 -13.01 -21.13 3.52
C CYS A 260 -14.53 -21.15 3.65
N ASP A 261 -15.01 -20.72 4.80
CA ASP A 261 -16.45 -20.54 5.01
C ASP A 261 -16.90 -19.31 4.23
N ILE A 262 -17.84 -19.51 3.31
CA ILE A 262 -18.38 -18.41 2.52
C ILE A 262 -19.82 -18.14 2.94
N ASP A 263 -20.11 -16.89 3.30
CA ASP A 263 -21.44 -16.49 3.70
C ASP A 263 -21.83 -15.25 2.93
N ILE A 264 -22.57 -15.45 1.85
CA ILE A 264 -22.93 -14.36 0.94
C ILE A 264 -23.90 -13.38 1.61
N GLN A 265 -24.89 -13.93 2.31
CA GLN A 265 -25.86 -13.10 3.02
C GLN A 265 -25.17 -12.19 4.02
N LYS A 266 -24.29 -12.76 4.82
CA LYS A 266 -23.55 -12.01 5.83
C LYS A 266 -22.66 -10.96 5.17
N THR A 267 -22.05 -11.32 4.05
CA THR A 267 -21.19 -10.39 3.34
C THR A 267 -22.00 -9.20 2.82
N ILE A 268 -23.18 -9.47 2.23
CA ILE A 268 -24.03 -8.40 1.73
C ILE A 268 -24.53 -7.47 2.84
N GLN A 269 -24.97 -8.03 3.97
CA GLN A 269 -25.40 -7.16 5.06
C GLN A 269 -24.26 -6.30 5.60
N MET A 270 -23.04 -6.87 5.66
CA MET A 270 -21.84 -6.13 6.07
C MET A 270 -21.55 -4.98 5.10
N VAL A 271 -21.69 -5.24 3.81
CA VAL A 271 -21.44 -4.22 2.79
C VAL A 271 -22.54 -3.16 2.85
N ARG A 272 -23.76 -3.60 3.12
CA ARG A 272 -24.88 -2.66 3.27
C ARG A 272 -24.79 -1.75 4.48
N ALA A 273 -23.95 -2.11 5.46
CA ALA A 273 -23.73 -1.23 6.60
C ALA A 273 -22.88 -0.03 6.19
N GLN A 274 -22.28 -0.11 5.00
CA GLN A 274 -21.33 0.91 4.56
C GLN A 274 -21.88 1.76 3.41
N ARG A 275 -22.84 1.18 2.68
CA ARG A 275 -23.59 1.94 1.66
C ARG A 275 -24.94 1.28 1.41
N SER A 276 -26.01 2.08 1.42
CA SER A 276 -27.37 1.55 1.34
C SER A 276 -27.65 0.73 0.09
N GLY A 277 -28.40 -0.36 0.23
CA GLY A 277 -28.99 -1.03 -0.93
C GLY A 277 -28.05 -1.76 -1.88
N MET A 278 -26.81 -1.96 -1.46
CA MET A 278 -25.83 -2.68 -2.28
C MET A 278 -26.33 -4.07 -2.64
N VAL A 279 -26.26 -4.42 -3.93
CA VAL A 279 -26.92 -5.59 -4.52
C VAL A 279 -28.42 -5.31 -4.61
N GLN A 280 -28.88 -4.94 -5.79
CA GLN A 280 -30.21 -4.33 -5.92
C GLN A 280 -31.35 -5.31 -6.22
N THR A 281 -31.04 -6.41 -6.89
CA THR A 281 -32.08 -7.35 -7.31
C THR A 281 -31.80 -8.78 -6.90
N GLU A 282 -32.85 -9.60 -6.90
CA GLU A 282 -32.72 -11.00 -6.50
C GLU A 282 -31.90 -11.76 -7.53
N ALA A 283 -31.94 -11.31 -8.78
CA ALA A 283 -31.13 -11.94 -9.83
C ALA A 283 -29.66 -11.64 -9.61
N GLN A 284 -29.36 -10.43 -9.14
CA GLN A 284 -27.98 -10.07 -8.85
C GLN A 284 -27.46 -10.88 -7.66
N TYR A 285 -28.33 -11.08 -6.69
CA TYR A 285 -28.04 -11.95 -5.55
C TYR A 285 -27.67 -13.36 -6.02
N LYS A 286 -28.51 -13.94 -6.87
CA LYS A 286 -28.25 -15.27 -7.42
C LYS A 286 -26.95 -15.30 -8.23
N PHE A 287 -26.68 -14.20 -8.95
CA PHE A 287 -25.50 -14.10 -9.80
C PHE A 287 -24.21 -14.21 -8.99
N ILE A 288 -24.23 -13.70 -7.76
CA ILE A 288 -23.07 -13.81 -6.89
C ILE A 288 -22.75 -15.29 -6.65
N TYR A 289 -23.79 -16.08 -6.40
CA TYR A 289 -23.63 -17.52 -6.20
C TYR A 289 -23.10 -18.19 -7.46
N VAL A 290 -23.70 -17.84 -8.60
CA VAL A 290 -23.32 -18.41 -9.90
C VAL A 290 -21.85 -18.10 -10.21
N ALA A 291 -21.47 -16.84 -10.03
CA ALA A 291 -20.11 -16.41 -10.33
C ALA A 291 -19.07 -17.05 -9.40
N ILE A 292 -19.38 -17.10 -8.11
CA ILE A 292 -18.45 -17.67 -7.14
C ILE A 292 -18.31 -19.18 -7.32
N ALA A 293 -19.41 -19.84 -7.66
CA ALA A 293 -19.37 -21.28 -7.90
C ALA A 293 -18.50 -21.60 -9.12
N GLN A 294 -18.60 -20.76 -10.16
CA GLN A 294 -17.77 -20.92 -11.35
CA GLN A 294 -17.77 -20.95 -11.35
C GLN A 294 -16.30 -20.64 -11.01
N PHE A 295 -16.09 -19.61 -10.19
CA PHE A 295 -14.73 -19.26 -9.75
C PHE A 295 -14.11 -20.42 -8.97
N ILE A 296 -14.92 -21.07 -8.14
CA ILE A 296 -14.46 -22.17 -7.31
C ILE A 296 -14.05 -23.37 -8.16
N GLU A 297 -14.83 -23.68 -9.18
CA GLU A 297 -14.51 -24.80 -10.07
C GLU A 297 -13.25 -24.53 -10.87
N THR A 298 -12.97 -23.25 -11.10
CA THR A 298 -11.77 -22.84 -11.82
C THR A 298 -10.54 -23.01 -10.93
N THR A 299 -10.66 -22.58 -9.68
CA THR A 299 -9.58 -22.70 -8.70
C THR A 299 -9.31 -24.18 -8.36
N LYS A 300 -10.38 -24.98 -8.32
CA LYS A 300 -10.25 -26.41 -8.05
C LYS A 300 -9.40 -27.12 -9.11
N LYS A 301 -9.65 -26.79 -10.37
CA LYS A 301 -8.92 -27.40 -11.48
C LYS A 301 -7.45 -27.03 -11.49
N LYS A 302 -7.19 -25.72 -11.45
CA LYS A 302 -5.82 -25.21 -11.58
C LYS A 302 -4.91 -25.68 -10.45
N LEU A 303 -5.41 -25.61 -9.22
CA LEU A 303 -4.71 -26.25 -8.11
C LEU A 303 -5.49 -27.49 -7.64
N GLY B 23 36.96 16.66 -2.39
CA GLY B 23 35.55 16.95 -2.53
C GLY B 23 34.69 16.17 -1.57
N PHE B 24 34.82 14.85 -1.59
CA PHE B 24 33.97 13.98 -0.77
C PHE B 24 34.18 14.18 0.73
N TRP B 25 35.45 14.25 1.14
CA TRP B 25 35.74 14.47 2.55
C TRP B 25 35.16 15.81 3.00
N GLU B 26 35.35 16.86 2.20
CA GLU B 26 34.88 18.19 2.56
C GLU B 26 33.35 18.29 2.66
N GLU B 27 32.67 17.61 1.75
CA GLU B 27 31.21 17.63 1.73
C GLU B 27 30.67 16.84 2.91
N PHE B 28 31.31 15.70 3.21
CA PHE B 28 30.87 14.91 4.36
C PHE B 28 31.15 15.68 5.66
N GLU B 29 32.32 16.31 5.73
CA GLU B 29 32.66 17.12 6.90
C GLU B 29 31.61 18.21 7.15
N SER B 30 31.14 18.79 6.05
CA SER B 30 30.13 19.83 6.11
C SER B 30 28.81 19.28 6.67
N LEU B 31 28.44 18.08 6.23
CA LEU B 31 27.27 17.43 6.79
C LEU B 31 27.47 17.12 8.27
N GLN B 32 28.67 16.69 8.64
CA GLN B 32 28.95 16.36 10.03
C GLN B 32 28.80 17.58 10.93
N LYS B 33 29.24 18.73 10.41
CA LYS B 33 29.10 19.99 11.13
C LYS B 33 27.64 20.35 11.40
N GLN B 34 26.78 20.18 10.39
CA GLN B 34 25.36 20.49 10.56
CA GLN B 34 25.35 20.48 10.55
C GLN B 34 24.68 19.52 11.52
N GLU B 35 25.20 18.29 11.58
CA GLU B 35 24.63 17.23 12.43
C GLU B 35 24.86 17.52 13.90
N VAL B 36 25.91 18.28 14.20
CA VAL B 36 26.16 18.76 15.56
C VAL B 36 24.95 19.53 16.05
N LYS B 37 24.35 20.32 15.15
CA LYS B 37 23.23 21.19 15.49
C LYS B 37 21.87 20.55 15.23
N ASN B 38 21.84 19.23 15.07
CA ASN B 38 20.59 18.49 14.86
C ASN B 38 20.04 17.97 16.19
N LEU B 39 19.42 18.86 16.95
CA LEU B 39 19.05 18.57 18.34
C LEU B 39 17.58 18.23 18.58
N HIS B 40 16.98 17.45 17.69
CA HIS B 40 15.63 16.91 17.95
C HIS B 40 15.69 16.04 19.20
N GLN B 41 14.64 16.08 20.00
CA GLN B 41 14.65 15.33 21.26
C GLN B 41 14.63 13.82 21.07
N ARG B 42 15.24 13.12 22.02
CA ARG B 42 15.29 11.66 22.02
C ARG B 42 14.96 11.20 23.44
N LEU B 43 13.89 11.76 24.01
CA LEU B 43 13.55 11.51 25.41
C LEU B 43 13.24 10.06 25.74
N GLU B 44 12.45 9.41 24.89
CA GLU B 44 12.05 8.03 25.17
CA GLU B 44 12.05 8.03 25.17
C GLU B 44 13.26 7.11 25.19
N GLY B 45 14.17 7.28 24.23
CA GLY B 45 15.36 6.44 24.20
C GLY B 45 16.22 6.60 25.43
N GLN B 46 16.15 7.77 26.08
CA GLN B 46 16.97 8.06 27.24
C GLN B 46 16.31 7.64 28.57
N ARG B 47 15.06 7.18 28.49
CA ARG B 47 14.35 6.73 29.69
C ARG B 47 15.10 5.56 30.32
N PRO B 48 15.29 5.58 31.66
CA PRO B 48 16.06 4.55 32.36
C PRO B 48 15.55 3.13 32.10
N GLU B 49 14.24 2.97 31.98
CA GLU B 49 13.66 1.65 31.74
C GLU B 49 14.02 1.11 30.37
N ASN B 50 14.50 1.97 29.49
CA ASN B 50 14.84 1.55 28.13
C ASN B 50 16.34 1.34 27.93
N LYS B 51 17.11 1.48 29.01
CA LYS B 51 18.56 1.38 28.90
C LYS B 51 19.02 0.08 28.25
N GLY B 52 18.36 -1.02 28.61
CA GLY B 52 18.72 -2.32 28.06
C GLY B 52 18.16 -2.59 26.68
N LYS B 53 17.45 -1.61 26.12
CA LYS B 53 16.87 -1.77 24.78
C LYS B 53 17.71 -1.08 23.70
N ASN B 54 18.78 -0.42 24.13
CA ASN B 54 19.67 0.27 23.19
C ASN B 54 21.00 -0.43 23.05
N ARG B 55 21.39 -0.73 21.81
CA ARG B 55 22.66 -1.41 21.59
C ARG B 55 23.81 -0.45 21.85
N TYR B 56 23.60 0.81 21.49
CA TYR B 56 24.62 1.85 21.74
C TYR B 56 24.00 3.00 22.54
N LYS B 57 24.64 3.33 23.67
CA LYS B 57 24.16 4.32 24.64
C LYS B 57 23.58 5.60 24.05
N ASN B 58 24.27 6.17 23.06
CA ASN B 58 23.88 7.49 22.56
C ASN B 58 23.44 7.46 21.11
N ILE B 59 23.06 6.29 20.64
CA ILE B 59 22.46 6.19 19.32
C ILE B 59 20.99 5.83 19.53
N LEU B 60 20.15 6.86 19.48
CA LEU B 60 18.76 6.77 19.92
C LEU B 60 17.83 7.33 18.87
N PRO B 61 16.57 6.88 18.86
CA PRO B 61 15.59 7.42 17.91
C PRO B 61 15.03 8.76 18.34
N PHE B 62 14.87 9.68 17.39
CA PHE B 62 14.12 10.90 17.66
C PHE B 62 12.70 10.56 18.07
N ASP B 63 12.17 11.25 19.07
CA ASP B 63 10.78 11.03 19.48
C ASP B 63 9.80 11.26 18.35
N HIS B 64 10.05 12.29 17.54
CA HIS B 64 9.05 12.72 16.56
C HIS B 64 8.81 11.70 15.45
N SER B 65 9.78 10.81 15.24
CA SER B 65 9.69 9.82 14.15
C SER B 65 9.85 8.38 14.61
N ARG B 66 9.93 8.16 15.93
CA ARG B 66 10.16 6.79 16.43
C ARG B 66 8.98 5.87 16.15
N VAL B 67 9.27 4.59 15.98
CA VAL B 67 8.22 3.61 15.81
C VAL B 67 7.66 3.29 17.20
N ILE B 68 6.36 3.51 17.39
CA ILE B 68 5.72 3.25 18.67
C ILE B 68 5.10 1.84 18.69
N LEU B 69 5.55 1.00 19.61
CA LEU B 69 5.00 -0.36 19.68
C LEU B 69 3.56 -0.32 20.17
N GLN B 70 2.68 -1.00 19.44
CA GLN B 70 1.26 -1.03 19.75
C GLN B 70 0.91 -2.19 20.68
N GLY B 71 -0.25 -2.10 21.30
CA GLY B 71 -0.75 -3.18 22.14
C GLY B 71 0.01 -3.26 23.45
N ARG B 72 0.72 -2.17 23.77
CA ARG B 72 1.47 -2.08 25.02
C ARG B 72 0.67 -1.26 26.02
N ASP B 73 0.95 -1.46 27.30
CA ASP B 73 0.17 -0.82 28.35
C ASP B 73 0.86 0.48 28.74
N SER B 74 0.14 1.60 28.64
CA SER B 74 0.77 2.89 28.87
C SER B 74 1.10 3.13 30.35
N ASN B 75 0.56 2.30 31.24
CA ASN B 75 0.90 2.39 32.66
C ASN B 75 2.26 1.79 33.00
N ILE B 76 2.90 1.18 32.00
CA ILE B 76 4.18 0.49 32.18
C ILE B 76 5.27 1.28 31.45
N PRO B 77 6.09 2.05 32.20
CA PRO B 77 7.02 2.98 31.54
C PRO B 77 7.95 2.30 30.56
N GLY B 78 8.05 2.88 29.36
CA GLY B 78 8.92 2.38 28.33
C GLY B 78 8.33 1.23 27.51
N SER B 79 7.13 0.78 27.87
CA SER B 79 6.57 -0.42 27.22
C SER B 79 6.43 -0.28 25.70
N ASP B 80 6.31 0.94 25.20
CA ASP B 80 6.07 1.13 23.78
C ASP B 80 7.33 1.37 22.96
N TYR B 81 8.49 1.19 23.59
CA TYR B 81 9.75 1.62 22.99
C TYR B 81 10.49 0.58 22.15
N ILE B 82 10.97 1.02 20.98
CA ILE B 82 11.96 0.29 20.22
C ILE B 82 12.91 1.29 19.58
N ASN B 83 14.17 0.93 19.41
CA ASN B 83 15.14 1.84 18.80
C ASN B 83 15.01 1.77 17.27
N ALA B 84 14.09 2.56 16.70
CA ALA B 84 13.80 2.52 15.28
C ALA B 84 12.98 3.75 14.91
N ASN B 85 13.13 4.21 13.68
CA ASN B 85 12.39 5.39 13.21
C ASN B 85 11.82 5.14 11.82
N TYR B 86 10.67 5.76 11.55
CA TYR B 86 10.20 5.89 10.19
C TYR B 86 11.08 6.86 9.44
N ILE B 87 11.38 6.51 8.18
CA ILE B 87 12.14 7.37 7.28
C ILE B 87 11.37 7.42 5.97
N LYS B 88 11.11 8.62 5.45
CA LYS B 88 10.61 8.71 4.09
C LYS B 88 11.28 9.87 3.37
N ASN B 89 11.14 9.90 2.05
CA ASN B 89 11.78 10.98 1.31
C ASN B 89 10.91 12.24 1.43
N GLN B 90 11.26 13.10 2.38
CA GLN B 90 10.47 14.28 2.63
C GLN B 90 10.79 15.43 1.69
N LEU B 91 11.67 15.19 0.72
CA LEU B 91 11.88 16.17 -0.36
C LEU B 91 10.79 16.07 -1.42
N LEU B 92 10.04 14.98 -1.42
CA LEU B 92 8.94 14.82 -2.38
C LEU B 92 7.67 15.51 -1.87
N GLY B 93 6.84 15.96 -2.81
CA GLY B 93 5.55 16.54 -2.47
C GLY B 93 4.59 15.48 -2.00
N PRO B 94 3.52 15.89 -1.26
CA PRO B 94 2.55 14.98 -0.66
C PRO B 94 1.81 14.11 -1.69
N ASP B 95 1.68 14.59 -2.92
CA ASP B 95 0.98 13.80 -3.94
C ASP B 95 1.90 12.77 -4.59
N GLU B 96 3.18 12.79 -4.20
CA GLU B 96 4.14 11.83 -4.73
C GLU B 96 4.13 10.54 -3.90
N ASN B 97 3.48 10.59 -2.75
CA ASN B 97 3.32 9.42 -1.88
C ASN B 97 4.61 8.67 -1.64
N ALA B 98 5.62 9.38 -1.14
CA ALA B 98 6.93 8.80 -0.85
C ALA B 98 6.82 7.50 -0.04
N LYS B 99 7.49 6.46 -0.53
CA LYS B 99 7.59 5.16 0.15
C LYS B 99 8.25 5.27 1.54
N THR B 100 7.77 4.49 2.50
CA THR B 100 8.24 4.56 3.88
C THR B 100 9.18 3.41 4.24
N TYR B 101 10.29 3.73 4.90
CA TYR B 101 11.17 2.70 5.47
C TYR B 101 11.06 2.76 6.98
N ILE B 102 11.44 1.67 7.64
CA ILE B 102 11.81 1.75 9.04
C ILE B 102 13.33 1.52 9.14
N ALA B 103 14.02 2.42 9.82
CA ALA B 103 15.45 2.27 10.07
C ALA B 103 15.63 1.88 11.53
N SER B 104 16.26 0.73 11.77
CA SER B 104 16.32 0.17 13.12
C SER B 104 17.73 -0.28 13.48
N GLN B 105 18.05 -0.32 14.78
CA GLN B 105 19.31 -0.94 15.21
C GLN B 105 19.21 -2.46 15.07
N GLY B 106 20.32 -3.16 15.29
CA GLY B 106 20.31 -4.61 15.34
C GLY B 106 19.83 -5.09 16.70
N CYS B 107 18.97 -6.10 16.70
CA CYS B 107 18.37 -6.61 17.93
C CYS B 107 19.39 -6.98 18.98
N LEU B 108 19.03 -6.76 20.24
CA LEU B 108 19.69 -7.38 21.36
C LEU B 108 18.82 -8.57 21.77
N GLU B 109 19.35 -9.46 22.60
CA GLU B 109 18.53 -10.54 23.15
C GLU B 109 17.23 -9.98 23.75
N ALA B 110 17.36 -8.87 24.48
CA ALA B 110 16.22 -8.27 25.18
C ALA B 110 15.19 -7.62 24.25
N THR B 111 15.51 -7.46 22.97
CA THR B 111 14.59 -6.73 22.09
C THR B 111 14.13 -7.53 20.88
N VAL B 112 14.44 -8.82 20.82
CA VAL B 112 14.03 -9.63 19.68
CA VAL B 112 14.02 -9.64 19.68
C VAL B 112 12.49 -9.70 19.60
N ASN B 113 11.83 -9.89 20.75
CA ASN B 113 10.37 -9.90 20.72
C ASN B 113 9.78 -8.56 20.27
N ASP B 114 10.36 -7.46 20.74
CA ASP B 114 9.91 -6.13 20.33
C ASP B 114 10.06 -5.94 18.83
N PHE B 115 11.14 -6.48 18.27
CA PHE B 115 11.34 -6.38 16.84
C PHE B 115 10.22 -7.06 16.06
N TRP B 116 9.82 -8.25 16.50
CA TRP B 116 8.73 -8.97 15.83
C TRP B 116 7.38 -8.28 16.04
N GLN B 117 7.19 -7.67 17.21
CA GLN B 117 6.00 -6.83 17.41
C GLN B 117 5.97 -5.71 16.37
N MET B 118 7.10 -5.04 16.20
CA MET B 118 7.20 -3.98 15.19
C MET B 118 6.87 -4.51 13.80
N ALA B 119 7.53 -5.58 13.39
CA ALA B 119 7.29 -6.14 12.06
C ALA B 119 5.82 -6.52 11.88
N TRP B 120 5.23 -7.16 12.89
CA TRP B 120 3.84 -7.59 12.77
C TRP B 120 2.89 -6.40 12.68
N GLN B 121 3.03 -5.45 13.58
CA GLN B 121 2.05 -4.36 13.64
C GLN B 121 2.11 -3.48 12.40
N GLU B 122 3.29 -3.39 11.79
CA GLU B 122 3.48 -2.50 10.65
C GLU B 122 3.18 -3.22 9.34
N ASN B 123 2.88 -4.52 9.44
CA ASN B 123 2.64 -5.34 8.25
C ASN B 123 3.86 -5.41 7.33
N SER B 124 5.05 -5.25 7.90
CA SER B 124 6.27 -5.33 7.09
C SER B 124 6.40 -6.75 6.52
N ARG B 125 6.72 -6.84 5.23
CA ARG B 125 6.88 -8.15 4.60
C ARG B 125 8.30 -8.37 4.13
N VAL B 126 9.13 -7.33 4.20
CA VAL B 126 10.50 -7.42 3.71
C VAL B 126 11.43 -6.81 4.73
N ILE B 127 12.44 -7.59 5.14
CA ILE B 127 13.42 -7.08 6.10
C ILE B 127 14.76 -7.05 5.40
N VAL B 128 15.49 -5.96 5.57
CA VAL B 128 16.77 -5.78 4.91
C VAL B 128 17.85 -5.60 5.97
N MET B 129 18.66 -6.63 6.15
CA MET B 129 19.72 -6.62 7.17
C MET B 129 21.05 -6.42 6.48
N THR B 130 21.82 -5.42 6.91
CA THR B 130 23.06 -5.07 6.22
C THR B 130 24.32 -5.39 7.04
N THR B 131 24.12 -6.06 8.17
CA THR B 131 25.23 -6.45 9.02
C THR B 131 25.29 -7.98 9.16
N ARG B 132 26.46 -8.50 9.47
CA ARG B 132 26.53 -9.88 9.97
C ARG B 132 26.25 -9.83 11.48
N GLU B 133 25.97 -10.98 12.08
CA GLU B 133 25.64 -11.04 13.50
C GLU B 133 26.86 -10.73 14.34
N VAL B 134 28.00 -11.23 13.86
CA VAL B 134 29.28 -10.99 14.50
C VAL B 134 30.28 -10.66 13.39
N GLU B 135 31.10 -9.63 13.61
CA GLU B 135 32.11 -9.22 12.64
C GLU B 135 33.43 -9.03 13.36
N LYS B 136 34.46 -9.77 12.94
CA LYS B 136 35.79 -9.68 13.53
C LYS B 136 35.74 -9.96 15.04
N GLY B 137 34.86 -10.86 15.44
CA GLY B 137 34.70 -11.20 16.85
C GLY B 137 33.85 -10.21 17.65
N ARG B 138 33.37 -9.16 16.99
CA ARG B 138 32.56 -8.14 17.65
C ARG B 138 31.07 -8.39 17.41
N ASN B 139 30.27 -8.38 18.47
CA ASN B 139 28.83 -8.57 18.33
C ASN B 139 28.17 -7.41 17.62
N LYS B 140 27.32 -7.70 16.63
CA LYS B 140 26.65 -6.64 15.88
C LYS B 140 25.13 -6.73 15.99
N CYS B 141 24.59 -7.95 16.04
CA CYS B 141 23.15 -8.17 16.05
C CYS B 141 22.87 -9.62 16.40
N VAL B 142 21.97 -9.87 17.36
CA VAL B 142 21.64 -11.25 17.68
C VAL B 142 20.70 -11.79 16.61
N PRO B 143 20.75 -13.10 16.34
CA PRO B 143 19.78 -13.59 15.35
C PRO B 143 18.36 -13.50 15.90
N TYR B 144 17.43 -13.15 15.04
CA TYR B 144 16.03 -13.09 15.47
C TYR B 144 15.18 -13.96 14.56
N TRP B 145 15.82 -14.94 13.92
CA TRP B 145 15.13 -15.89 13.07
C TRP B 145 15.59 -17.27 13.51
N PRO B 146 14.76 -18.29 13.28
CA PRO B 146 15.20 -19.66 13.54
C PRO B 146 16.04 -20.18 12.38
N GLU B 147 16.77 -21.26 12.60
CA GLU B 147 17.49 -21.92 11.51
C GLU B 147 16.52 -22.61 10.56
N VAL B 148 17.00 -23.02 9.39
CA VAL B 148 16.12 -23.59 8.39
C VAL B 148 15.43 -24.86 8.91
N GLY B 149 14.15 -25.00 8.57
CA GLY B 149 13.32 -26.09 9.06
C GLY B 149 12.86 -25.95 10.51
N MET B 150 13.21 -24.84 11.16
CA MET B 150 12.89 -24.68 12.58
CA MET B 150 12.91 -24.67 12.59
C MET B 150 11.87 -23.59 12.86
N GLN B 151 11.27 -23.67 14.05
CA GLN B 151 10.21 -22.74 14.45
C GLN B 151 10.52 -22.18 15.82
N ARG B 152 10.33 -20.89 16.00
CA ARG B 152 10.59 -20.24 17.28
C ARG B 152 9.44 -19.32 17.65
N ALA B 153 9.19 -19.21 18.95
CA ALA B 153 8.25 -18.23 19.46
C ALA B 153 9.00 -16.96 19.88
N TYR B 154 8.49 -15.82 19.44
CA TYR B 154 9.01 -14.53 19.90
C TYR B 154 7.82 -13.70 20.40
N GLY B 155 7.64 -13.63 21.71
CA GLY B 155 6.48 -12.93 22.24
C GLY B 155 5.20 -13.54 21.71
N PRO B 156 4.28 -12.71 21.20
CA PRO B 156 3.01 -13.24 20.67
C PRO B 156 3.14 -14.07 19.40
N TYR B 157 4.32 -14.10 18.78
CA TYR B 157 4.43 -14.59 17.40
C TYR B 157 5.22 -15.88 17.23
N SER B 158 4.79 -16.68 16.25
CA SER B 158 5.52 -17.87 15.82
C SER B 158 6.23 -17.51 14.52
N VAL B 159 7.51 -17.87 14.42
CA VAL B 159 8.27 -17.62 13.18
C VAL B 159 8.85 -18.95 12.73
N THR B 160 8.66 -19.27 11.46
CA THR B 160 9.21 -20.51 10.90
C THR B 160 10.11 -20.17 9.73
N ASN B 161 11.31 -20.76 9.72
CA ASN B 161 12.23 -20.60 8.60
C ASN B 161 11.93 -21.71 7.62
N CYS B 162 11.38 -21.35 6.46
CA CYS B 162 10.91 -22.33 5.49
C CYS B 162 11.91 -22.56 4.37
N GLY B 163 13.07 -21.93 4.47
CA GLY B 163 14.06 -22.05 3.41
C GLY B 163 15.06 -20.92 3.38
N GLU B 164 16.31 -21.26 3.04
CA GLU B 164 17.39 -20.29 2.97
C GLU B 164 18.14 -20.51 1.66
N HIS B 165 18.57 -19.43 1.01
CA HIS B 165 19.50 -19.54 -0.10
C HIS B 165 20.36 -18.28 -0.16
N ASP B 166 21.59 -18.41 -0.61
CA ASP B 166 22.46 -17.23 -0.66
C ASP B 166 23.40 -17.27 -1.85
N THR B 167 23.99 -16.12 -2.14
CA THR B 167 24.91 -15.96 -3.26
C THR B 167 26.35 -15.77 -2.77
N THR B 168 26.52 -15.93 -1.44
CA THR B 168 27.71 -15.55 -0.67
C THR B 168 27.88 -14.04 -0.44
N GLU B 169 27.21 -13.23 -1.27
CA GLU B 169 27.14 -11.78 -1.06
C GLU B 169 25.93 -11.44 -0.19
N TYR B 170 24.80 -12.05 -0.51
CA TYR B 170 23.62 -11.89 0.35
C TYR B 170 22.80 -13.17 0.46
N LYS B 171 21.99 -13.25 1.50
CA LYS B 171 21.24 -14.44 1.82
C LYS B 171 19.76 -14.10 1.94
N LEU B 172 18.92 -14.98 1.39
CA LEU B 172 17.47 -14.83 1.52
C LEU B 172 16.91 -15.95 2.39
N ARG B 173 16.27 -15.55 3.48
CA ARG B 173 15.54 -16.48 4.33
C ARG B 173 14.05 -16.25 4.11
N THR B 174 13.34 -17.32 3.78
CA THR B 174 11.90 -17.27 3.55
CA THR B 174 11.89 -17.25 3.57
C THR B 174 11.19 -17.64 4.86
N LEU B 175 10.59 -16.65 5.51
CA LEU B 175 10.00 -16.87 6.82
C LEU B 175 8.47 -16.88 6.74
N GLN B 176 7.85 -17.62 7.65
CA GLN B 176 6.40 -17.54 7.82
C GLN B 176 6.14 -17.11 9.25
N VAL B 177 5.32 -16.07 9.40
CA VAL B 177 5.02 -15.54 10.72
CA VAL B 177 5.02 -15.53 10.73
C VAL B 177 3.52 -15.54 11.01
N SER B 178 3.15 -15.93 12.22
CA SER B 178 1.75 -16.01 12.60
CA SER B 178 1.75 -16.01 12.60
C SER B 178 1.62 -15.71 14.08
N PRO B 179 0.46 -15.19 14.51
CA PRO B 179 0.32 -15.01 15.96
C PRO B 179 0.09 -16.38 16.58
N LEU B 180 0.67 -16.60 17.75
CA LEU B 180 0.51 -17.88 18.44
C LEU B 180 -0.97 -18.20 18.63
N ASP B 181 -1.77 -17.19 18.96
CA ASP B 181 -3.19 -17.43 19.23
C ASP B 181 -4.09 -17.34 17.99
N ASN B 182 -3.48 -17.29 16.81
CA ASN B 182 -4.25 -17.18 15.57
C ASN B 182 -3.45 -17.84 14.44
N GLY B 183 -3.18 -19.13 14.60
CA GLY B 183 -2.26 -19.83 13.73
C GLY B 183 -2.67 -19.97 12.28
N ASP B 184 -3.94 -19.73 11.99
CA ASP B 184 -4.43 -19.80 10.60
C ASP B 184 -4.04 -18.57 9.80
N LEU B 185 -3.71 -17.48 10.48
CA LEU B 185 -3.27 -16.27 9.82
C LEU B 185 -1.75 -16.26 9.68
N ILE B 186 -1.27 -16.52 8.47
CA ILE B 186 0.16 -16.65 8.24
C ILE B 186 0.61 -15.60 7.22
N ARG B 187 1.67 -14.87 7.55
CA ARG B 187 2.28 -13.96 6.58
C ARG B 187 3.62 -14.45 6.12
N GLU B 188 3.87 -14.39 4.82
CA GLU B 188 5.22 -14.61 4.30
C GLU B 188 6.08 -13.37 4.50
N ILE B 189 7.24 -13.55 5.15
CA ILE B 189 8.18 -12.46 5.36
CA ILE B 189 8.17 -12.45 5.33
C ILE B 189 9.51 -12.82 4.70
N TRP B 190 10.02 -11.93 3.87
CA TRP B 190 11.26 -12.20 3.16
CA TRP B 190 11.28 -12.19 3.17
C TRP B 190 12.43 -11.45 3.82
N HIS B 191 13.40 -12.22 4.31
CA HIS B 191 14.49 -11.65 5.07
C HIS B 191 15.73 -11.64 4.19
N TYR B 192 16.22 -10.44 3.87
CA TYR B 192 17.37 -10.29 2.98
C TYR B 192 18.55 -9.81 3.80
N GLN B 193 19.63 -10.58 3.81
CA GLN B 193 20.81 -10.19 4.58
C GLN B 193 22.03 -10.00 3.69
N TYR B 194 22.60 -8.79 3.71
CA TYR B 194 23.86 -8.57 2.98
C TYR B 194 25.02 -8.98 3.86
N LEU B 195 25.95 -9.75 3.29
CA LEU B 195 26.99 -10.39 4.10
C LEU B 195 28.38 -9.77 4.00
N SER B 196 28.60 -8.87 3.04
CA SER B 196 29.95 -8.36 2.84
CA SER B 196 29.95 -8.36 2.79
C SER B 196 30.02 -6.84 2.85
N TRP B 197 29.27 -6.25 3.78
CA TRP B 197 29.34 -4.82 4.03
C TRP B 197 29.73 -4.65 5.49
N PRO B 198 31.03 -4.42 5.75
CA PRO B 198 31.51 -4.36 7.13
C PRO B 198 31.09 -3.08 7.84
N ASP B 199 30.91 -3.17 9.16
CA ASP B 199 30.55 -2.02 9.97
C ASP B 199 31.57 -0.90 9.79
N HIS B 200 31.08 0.33 9.69
CA HIS B 200 31.90 1.52 9.45
C HIS B 200 32.64 1.47 8.10
N GLY B 201 32.24 0.56 7.21
CA GLY B 201 32.97 0.37 5.96
C GLY B 201 32.07 0.42 4.74
N VAL B 202 32.59 -0.07 3.62
CA VAL B 202 31.83 -0.13 2.37
C VAL B 202 32.13 -1.45 1.64
N PRO B 203 31.18 -1.93 0.83
CA PRO B 203 31.48 -3.08 -0.05
C PRO B 203 32.58 -2.70 -1.04
N SER B 204 33.33 -3.67 -1.55
CA SER B 204 34.44 -3.41 -2.45
CA SER B 204 34.44 -3.41 -2.45
C SER B 204 33.98 -2.83 -3.80
N GLU B 205 32.78 -3.24 -4.23
CA GLU B 205 32.19 -2.75 -5.46
CA GLU B 205 32.19 -2.75 -5.46
C GLU B 205 30.69 -2.63 -5.23
N PRO B 206 30.02 -1.71 -5.95
CA PRO B 206 28.59 -1.48 -5.64
C PRO B 206 27.61 -2.45 -6.28
N GLY B 207 28.07 -3.28 -7.21
CA GLY B 207 27.17 -4.19 -7.92
C GLY B 207 26.31 -5.07 -7.03
N GLY B 208 26.89 -5.58 -5.96
CA GLY B 208 26.18 -6.47 -5.06
C GLY B 208 25.01 -5.76 -4.39
N VAL B 209 25.25 -4.54 -3.90
CA VAL B 209 24.19 -3.79 -3.24
C VAL B 209 23.08 -3.42 -4.23
N LEU B 210 23.47 -3.04 -5.44
CA LEU B 210 22.51 -2.71 -6.48
C LEU B 210 21.60 -3.89 -6.83
N SER B 211 22.19 -5.07 -6.98
CA SER B 211 21.46 -6.31 -7.26
C SER B 211 20.53 -6.68 -6.10
N PHE B 212 21.07 -6.57 -4.89
CA PHE B 212 20.37 -6.80 -3.64
C PHE B 212 19.11 -5.93 -3.58
N LEU B 213 19.27 -4.63 -3.83
CA LEU B 213 18.15 -3.70 -3.79
C LEU B 213 17.13 -3.97 -4.92
N ASP B 214 17.61 -4.38 -6.09
CA ASP B 214 16.68 -4.72 -7.17
C ASP B 214 15.78 -5.87 -6.75
N GLN B 215 16.36 -6.89 -6.11
CA GLN B 215 15.60 -8.05 -5.64
C GLN B 215 14.62 -7.67 -4.53
N ILE B 216 15.08 -6.82 -3.61
CA ILE B 216 14.24 -6.34 -2.50
C ILE B 216 13.02 -5.61 -3.01
N ASN B 217 13.25 -4.69 -3.94
CA ASN B 217 12.18 -3.89 -4.51
C ASN B 217 11.21 -4.68 -5.40
N GLN B 218 11.74 -5.64 -6.17
CA GLN B 218 10.87 -6.55 -6.91
C GLN B 218 9.95 -7.26 -5.95
N ARG B 219 10.52 -7.74 -4.85
CA ARG B 219 9.73 -8.50 -3.86
C ARG B 219 8.66 -7.63 -3.23
N GLN B 220 9.06 -6.46 -2.75
CA GLN B 220 8.12 -5.54 -2.10
C GLN B 220 6.95 -5.13 -3.02
N GLU B 221 7.27 -4.67 -4.23
CA GLU B 221 6.25 -4.16 -5.14
C GLU B 221 5.27 -5.24 -5.63
N SER B 222 5.72 -6.49 -5.66
CA SER B 222 4.87 -7.59 -6.10
C SER B 222 3.76 -7.95 -5.10
N LEU B 223 3.94 -7.56 -3.84
CA LEU B 223 2.99 -7.96 -2.80
C LEU B 223 1.67 -7.14 -2.82
N PRO B 224 0.54 -7.83 -2.65
CA PRO B 224 -0.78 -7.18 -2.67
C PRO B 224 -0.94 -6.17 -1.53
N HIS B 225 -0.37 -6.50 -0.37
CA HIS B 225 -0.40 -5.62 0.79
C HIS B 225 0.91 -5.79 1.55
N ALA B 226 1.70 -4.72 1.64
CA ALA B 226 2.93 -4.74 2.45
C ALA B 226 3.18 -3.37 3.08
N GLY B 227 3.49 -3.37 4.38
CA GLY B 227 3.90 -2.15 5.06
C GLY B 227 5.35 -1.80 4.77
N PRO B 228 5.92 -0.90 5.59
CA PRO B 228 7.29 -0.40 5.39
C PRO B 228 8.32 -1.52 5.38
N ILE B 229 9.26 -1.45 4.45
CA ILE B 229 10.44 -2.30 4.52
C ILE B 229 11.25 -1.92 5.76
N ILE B 230 11.63 -2.91 6.55
CA ILE B 230 12.48 -2.68 7.71
C ILE B 230 13.94 -2.82 7.30
N VAL B 231 14.72 -1.77 7.51
CA VAL B 231 16.14 -1.79 7.18
C VAL B 231 16.93 -1.66 8.47
N HIS B 232 17.90 -2.55 8.69
CA HIS B 232 18.70 -2.42 9.90
C HIS B 232 20.15 -2.83 9.70
N SER B 233 20.99 -2.39 10.63
CA SER B 233 22.37 -2.79 10.65
C SER B 233 22.68 -3.17 12.09
N SER B 234 23.78 -2.65 12.63
CA SER B 234 24.05 -2.85 14.05
C SER B 234 23.56 -1.62 14.83
N ALA B 235 24.09 -0.45 14.49
CA ALA B 235 23.66 0.79 15.12
C ALA B 235 22.38 1.32 14.46
N GLY B 236 22.12 0.86 13.24
CA GLY B 236 20.93 1.33 12.54
C GLY B 236 21.12 2.69 11.91
N ILE B 237 22.39 3.10 11.71
CA ILE B 237 22.64 4.41 11.11
C ILE B 237 23.61 4.45 9.92
N GLY B 238 24.65 3.62 9.94
CA GLY B 238 25.70 3.75 8.93
C GLY B 238 25.33 3.07 7.64
N ARG B 239 25.40 1.74 7.65
CA ARG B 239 25.01 0.95 6.50
C ARG B 239 23.51 1.13 6.25
N THR B 240 22.73 1.28 7.32
CA THR B 240 21.30 1.54 7.18
C THR B 240 21.01 2.85 6.46
N GLY B 241 21.64 3.93 6.90
CA GLY B 241 21.42 5.22 6.27
C GLY B 241 21.92 5.21 4.84
N THR B 242 23.07 4.60 4.62
CA THR B 242 23.69 4.61 3.30
C THR B 242 22.81 3.86 2.28
N ILE B 243 22.29 2.71 2.67
CA ILE B 243 21.49 1.93 1.71
C ILE B 243 20.12 2.56 1.45
N ILE B 244 19.53 3.19 2.46
CA ILE B 244 18.25 3.87 2.28
C ILE B 244 18.42 5.05 1.31
N VAL B 245 19.48 5.83 1.50
CA VAL B 245 19.75 6.94 0.59
C VAL B 245 19.99 6.44 -0.86
N ILE B 246 20.74 5.35 -1.01
CA ILE B 246 20.94 4.78 -2.35
C ILE B 246 19.59 4.39 -2.93
N ASP B 247 18.77 3.70 -2.13
CA ASP B 247 17.45 3.26 -2.62
C ASP B 247 16.56 4.44 -3.03
N MET B 248 16.56 5.52 -2.24
CA MET B 248 15.73 6.68 -2.53
C MET B 248 16.13 7.35 -3.83
N LEU B 249 17.44 7.42 -4.07
CA LEU B 249 17.97 8.04 -5.27
C LEU B 249 17.67 7.18 -6.48
N MET B 250 17.77 5.85 -6.31
CA MET B 250 17.40 4.93 -7.40
C MET B 250 15.94 5.11 -7.78
N GLU B 251 15.09 5.26 -6.76
CA GLU B 251 13.66 5.45 -6.98
C GLU B 251 13.41 6.74 -7.78
N ASN B 252 14.13 7.81 -7.44
CA ASN B 252 14.00 9.08 -8.15
C ASN B 252 14.38 8.98 -9.62
N ILE B 253 15.53 8.36 -9.87
CA ILE B 253 16.00 8.13 -11.24
C ILE B 253 15.01 7.27 -12.02
N SER B 254 14.49 6.23 -11.38
CA SER B 254 13.55 5.31 -12.03
C SER B 254 12.24 5.98 -12.41
N THR B 255 11.73 6.86 -11.57
CA THR B 255 10.40 7.43 -11.80
C THR B 255 10.43 8.80 -12.49
N LYS B 256 11.49 9.57 -12.27
CA LYS B 256 11.58 10.91 -12.84
C LYS B 256 12.55 10.99 -14.02
N GLY B 257 13.24 9.88 -14.28
CA GLY B 257 14.13 9.80 -15.43
C GLY B 257 15.57 10.13 -15.11
N LEU B 258 16.43 9.98 -16.12
CA LEU B 258 17.86 10.19 -15.97
C LEU B 258 18.24 11.67 -15.95
N ASP B 259 17.28 12.54 -16.22
CA ASP B 259 17.50 13.98 -16.17
C ASP B 259 17.03 14.54 -14.84
N CYS B 260 16.65 13.66 -13.93
CA CYS B 260 16.17 14.09 -12.62
C CYS B 260 17.31 14.74 -11.82
N ASP B 261 16.94 15.60 -10.88
CA ASP B 261 17.93 16.32 -10.09
C ASP B 261 18.36 15.49 -8.88
N ILE B 262 19.66 15.18 -8.81
CA ILE B 262 20.20 14.34 -7.75
C ILE B 262 21.09 15.16 -6.81
N ASP B 263 20.61 15.36 -5.59
CA ASP B 263 21.40 16.09 -4.58
C ASP B 263 21.62 15.17 -3.39
N ILE B 264 22.78 14.52 -3.37
CA ILE B 264 23.07 13.54 -2.33
C ILE B 264 23.18 14.18 -0.94
N GLN B 265 23.88 15.30 -0.83
CA GLN B 265 24.00 16.00 0.45
C GLN B 265 22.64 16.39 1.04
N LYS B 266 21.79 16.95 0.20
CA LYS B 266 20.45 17.39 0.60
C LYS B 266 19.61 16.19 1.03
N THR B 267 19.75 15.08 0.30
CA THR B 267 19.03 13.86 0.66
C THR B 267 19.48 13.32 2.00
N ILE B 268 20.79 13.35 2.25
CA ILE B 268 21.30 12.91 3.55
C ILE B 268 20.83 13.80 4.70
N GLN B 269 20.91 15.11 4.51
N GLN B 269 20.89 15.12 4.51
CA GLN B 269 20.41 16.05 5.51
CA GLN B 269 20.42 16.03 5.54
C GLN B 269 18.96 15.78 5.85
C GLN B 269 18.96 15.78 5.86
N MET B 270 18.18 15.50 4.82
CA MET B 270 16.75 15.24 4.98
C MET B 270 16.53 13.93 5.76
N VAL B 271 17.33 12.90 5.47
CA VAL B 271 17.17 11.63 6.16
C VAL B 271 17.63 11.78 7.62
N ARG B 272 18.65 12.59 7.84
CA ARG B 272 19.15 12.82 9.20
C ARG B 272 18.20 13.61 10.09
N ALA B 273 17.21 14.26 9.50
CA ALA B 273 16.20 14.94 10.30
C ALA B 273 15.24 13.91 10.90
N GLN B 274 15.32 12.67 10.40
CA GLN B 274 14.40 11.60 10.80
C GLN B 274 15.03 10.50 11.64
N ARG B 275 16.35 10.34 11.53
CA ARG B 275 17.10 9.51 12.46
C ARG B 275 18.54 10.02 12.52
N SER B 276 19.11 10.09 13.72
CA SER B 276 20.44 10.67 13.93
C SER B 276 21.55 10.00 13.13
N GLY B 277 22.43 10.81 12.55
CA GLY B 277 23.70 10.30 12.04
C GLY B 277 23.67 9.32 10.89
N MET B 278 22.58 9.30 10.13
CA MET B 278 22.47 8.39 8.99
C MET B 278 23.58 8.67 7.99
N VAL B 279 24.23 7.60 7.52
CA VAL B 279 25.47 7.64 6.73
C VAL B 279 26.62 8.02 7.68
N GLN B 280 27.40 7.03 8.09
CA GLN B 280 28.31 7.22 9.23
C GLN B 280 29.70 7.71 8.84
N THR B 281 30.18 7.31 7.67
CA THR B 281 31.56 7.64 7.30
C THR B 281 31.70 8.29 5.93
N GLU B 282 32.85 8.93 5.72
CA GLU B 282 33.08 9.58 4.43
CA GLU B 282 33.13 9.58 4.44
C GLU B 282 33.16 8.57 3.29
N ALA B 283 33.65 7.36 3.56
CA ALA B 283 33.68 6.32 2.53
C ALA B 283 32.27 5.90 2.14
N GLN B 284 31.37 5.83 3.12
CA GLN B 284 29.97 5.50 2.84
C GLN B 284 29.31 6.59 2.00
N TYR B 285 29.65 7.84 2.30
CA TYR B 285 29.17 8.98 1.52
C TYR B 285 29.64 8.84 0.06
N LYS B 286 30.92 8.53 -0.12
CA LYS B 286 31.46 8.36 -1.47
C LYS B 286 30.80 7.17 -2.15
N PHE B 287 30.51 6.12 -1.37
CA PHE B 287 29.94 4.89 -1.92
C PHE B 287 28.54 5.14 -2.51
N ILE B 288 27.79 6.07 -1.92
CA ILE B 288 26.52 6.49 -2.51
C ILE B 288 26.71 6.99 -3.96
N TYR B 289 27.67 7.88 -4.16
CA TYR B 289 27.97 8.39 -5.50
C TYR B 289 28.38 7.27 -6.44
N VAL B 290 29.27 6.41 -5.97
CA VAL B 290 29.77 5.29 -6.77
C VAL B 290 28.63 4.35 -7.17
N ALA B 291 27.75 4.03 -6.23
CA ALA B 291 26.63 3.14 -6.52
C ALA B 291 25.67 3.79 -7.51
N ILE B 292 25.33 5.05 -7.25
CA ILE B 292 24.35 5.73 -8.10
C ILE B 292 24.92 5.94 -9.51
N ALA B 293 26.22 6.21 -9.60
CA ALA B 293 26.89 6.33 -10.88
C ALA B 293 26.80 5.03 -11.68
N GLN B 294 27.00 3.90 -11.01
CA GLN B 294 26.90 2.61 -11.67
C GLN B 294 25.45 2.32 -12.08
N PHE B 295 24.52 2.68 -11.20
CA PHE B 295 23.11 2.49 -11.48
C PHE B 295 22.68 3.28 -12.73
N ILE B 296 23.17 4.52 -12.83
CA ILE B 296 22.86 5.35 -13.98
C ILE B 296 23.40 4.75 -15.28
N GLU B 297 24.64 4.25 -15.23
CA GLU B 297 25.24 3.62 -16.41
C GLU B 297 24.46 2.40 -16.85
N THR B 298 24.10 1.57 -15.87
CA THR B 298 23.30 0.36 -16.12
C THR B 298 21.97 0.73 -16.75
N THR B 299 21.32 1.75 -16.17
CA THR B 299 20.07 2.28 -16.70
C THR B 299 20.23 2.81 -18.12
N LYS B 300 21.31 3.55 -18.37
CA LYS B 300 21.61 4.04 -19.71
C LYS B 300 21.82 2.89 -20.70
N LYS B 301 22.72 1.98 -20.33
CA LYS B 301 23.12 0.89 -21.21
C LYS B 301 21.99 -0.11 -21.43
N LYS B 302 20.94 -0.01 -20.62
CA LYS B 302 19.76 -0.83 -20.77
C LYS B 302 18.86 -0.30 -21.89
N LEU B 303 19.34 0.73 -22.60
CA LEU B 303 18.55 1.39 -23.63
C LEU B 303 19.20 1.28 -25.01
P PO4 C . -26.77 0.42 -10.65
O1 PO4 C . -26.41 -0.98 -11.08
O2 PO4 C . -26.09 0.74 -9.32
O3 PO4 C . -26.40 1.45 -11.69
O4 PO4 C . -28.30 0.44 -10.39
P PO4 D . 25.93 0.49 11.36
O1 PO4 D . 27.02 1.23 12.14
O2 PO4 D . 24.67 1.32 11.45
O3 PO4 D . 26.33 0.42 9.91
O4 PO4 D . 25.78 -0.87 11.97
#